data_2PJP
#
_entry.id   2PJP
#
_cell.length_a   103.498
_cell.length_b   56.515
_cell.length_c   48.414
_cell.angle_alpha   90.000
_cell.angle_beta   95.600
_cell.angle_gamma   90.000
#
_symmetry.space_group_name_H-M   'C 1 2 1'
#
loop_
_entity.id
_entity.type
_entity.pdbx_description
1 polymer 'SECIS RNA'
2 polymer 'Selenocysteine-specific elongation factor'
3 non-polymer 'MAGNESIUM ION'
4 non-polymer 'CHLORIDE ION'
5 non-polymer 'CALCIUM ION'
6 non-polymer 'SODIUM ION'
7 water water
#
loop_
_entity_poly.entity_id
_entity_poly.type
_entity_poly.pdbx_seq_one_letter_code
_entity_poly.pdbx_strand_id
1 'polyribonucleotide' GGCGGUUGCAGGUCUGCACCGCC B
2 'polypeptide(L)'
;FSEEQQAIWQKAEPLFGDEPWWVRDLAKETGTDEQAMRLTLRQAAQQGIITAIVKDRYYRNDRIVEFANMIRDLDQECGS
TCAADFRDRLGVGRKLAIQILEYFDRIGFTRRRGNDHLLRD
;
A
#
# COMPACT_ATOMS: atom_id res chain seq x y z
N PHE B 1 -8.63 -19.09 -1.41
CA PHE B 1 -9.74 -18.53 -2.24
C PHE B 1 -10.86 -19.56 -2.46
N SER B 2 -12.09 -19.25 -2.01
CA SER B 2 -13.31 -19.97 -2.48
C SER B 2 -13.44 -19.94 -4.02
N GLU B 3 -14.51 -20.48 -4.57
CA GLU B 3 -14.68 -20.39 -6.02
C GLU B 3 -15.19 -19.01 -6.45
N GLU B 4 -16.07 -18.42 -5.64
CA GLU B 4 -16.56 -17.05 -5.84
C GLU B 4 -15.44 -15.99 -5.70
N GLN B 5 -14.50 -16.23 -4.80
CA GLN B 5 -13.34 -15.36 -4.55
C GLN B 5 -12.29 -15.51 -5.65
N GLN B 6 -12.19 -16.71 -6.23
CA GLN B 6 -11.26 -16.90 -7.32
C GLN B 6 -11.76 -16.25 -8.62
N ALA B 7 -13.08 -16.20 -8.85
CA ALA B 7 -13.59 -15.52 -10.04
C ALA B 7 -13.48 -14.00 -9.97
N ILE B 8 -13.60 -13.42 -8.78
CA ILE B 8 -13.46 -11.97 -8.66
C ILE B 8 -12.01 -11.47 -8.60
N TRP B 9 -11.11 -12.30 -8.09
CA TRP B 9 -9.69 -12.04 -8.14
C TRP B 9 -9.08 -12.02 -9.57
N GLN B 10 -9.41 -13.00 -10.43
CA GLN B 10 -9.02 -12.95 -11.85
C GLN B 10 -9.52 -11.67 -12.51
N LYS B 11 -10.60 -11.09 -11.96
CA LYS B 11 -11.10 -9.78 -12.39
C LYS B 11 -10.27 -8.60 -11.82
N ALA B 12 -10.17 -8.54 -10.50
CA ALA B 12 -9.42 -7.52 -9.78
C ALA B 12 -7.93 -7.49 -10.16
N GLU B 13 -7.28 -8.66 -10.19
CA GLU B 13 -5.82 -8.80 -10.38
C GLU B 13 -5.08 -8.01 -11.51
N PRO B 14 -5.58 -8.02 -12.79
CA PRO B 14 -4.91 -7.17 -13.85
C PRO B 14 -4.90 -5.65 -13.59
N LEU B 15 -5.76 -5.22 -12.67
CA LEU B 15 -5.98 -3.80 -12.41
C LEU B 15 -4.98 -3.21 -11.41
N PHE B 16 -4.19 -4.07 -10.76
CA PHE B 16 -3.11 -3.74 -9.83
C PHE B 16 -1.80 -3.33 -10.51
N GLY B 17 -1.69 -2.07 -10.90
CA GLY B 17 -0.43 -1.55 -11.38
C GLY B 17 0.35 -0.88 -10.27
N ASP B 18 0.75 0.36 -10.53
CA ASP B 18 1.58 1.12 -9.59
C ASP B 18 0.78 1.93 -8.52
N GLU B 19 -0.51 2.12 -8.78
CA GLU B 19 -1.40 2.90 -7.94
C GLU B 19 -2.09 2.00 -6.85
N PRO B 20 -2.54 2.63 -5.73
CA PRO B 20 -3.22 1.89 -4.69
C PRO B 20 -4.65 1.73 -5.08
N TRP B 21 -5.33 0.69 -4.57
CA TRP B 21 -6.78 0.61 -4.82
C TRP B 21 -7.64 0.51 -3.55
N TRP B 22 -8.74 1.24 -3.52
CA TRP B 22 -9.74 1.01 -2.54
C TRP B 22 -10.61 -0.18 -3.00
N VAL B 23 -10.83 -1.14 -2.10
CA VAL B 23 -11.94 -2.09 -2.25
C VAL B 23 -13.13 -1.65 -3.08
N ARG B 24 -13.77 -0.58 -2.64
CA ARG B 24 -14.96 -0.03 -3.26
C ARG B 24 -14.78 0.42 -4.73
N ASP B 25 -13.55 0.80 -5.07
CA ASP B 25 -13.26 1.19 -6.42
C ASP B 25 -13.06 -0.09 -7.25
N LEU B 26 -12.29 -1.02 -6.72
CA LEU B 26 -12.14 -2.34 -7.33
C LEU B 26 -13.53 -2.92 -7.61
N ALA B 27 -14.38 -3.01 -6.59
CA ALA B 27 -15.74 -3.45 -6.77
C ALA B 27 -16.59 -2.73 -7.85
N LYS B 28 -16.55 -1.39 -7.92
CA LYS B 28 -17.25 -0.59 -8.96
C LYS B 28 -16.75 -0.86 -10.40
N GLU B 29 -15.44 -1.09 -10.50
CA GLU B 29 -14.72 -1.30 -11.76
C GLU B 29 -14.95 -2.70 -12.40
N THR B 30 -15.08 -3.74 -11.58
CA THR B 30 -15.25 -5.12 -12.00
C THR B 30 -16.71 -5.68 -11.83
N GLY B 31 -17.68 -4.80 -11.60
CA GLY B 31 -19.06 -5.20 -11.33
C GLY B 31 -19.33 -6.18 -10.18
N THR B 32 -18.53 -6.12 -9.11
CA THR B 32 -18.67 -7.02 -7.95
C THR B 32 -19.16 -6.32 -6.64
N ASP B 33 -19.89 -7.05 -5.81
CA ASP B 33 -20.48 -6.51 -4.59
C ASP B 33 -19.27 -6.01 -3.76
N GLU B 34 -19.37 -4.84 -3.15
CA GLU B 34 -18.23 -4.29 -2.36
C GLU B 34 -17.62 -5.23 -1.31
N GLN B 35 -18.48 -5.81 -0.47
CA GLN B 35 -18.14 -6.78 0.59
C GLN B 35 -17.52 -8.11 0.16
N ALA B 36 -18.12 -8.71 -0.86
CA ALA B 36 -17.48 -9.81 -1.61
C ALA B 36 -16.07 -9.46 -2.07
N MET B 37 -15.87 -8.36 -2.78
CA MET B 37 -14.47 -7.78 -3.01
C MET B 37 -13.59 -7.61 -1.74
N ARG B 38 -14.17 -7.03 -0.68
CA ARG B 38 -13.43 -6.91 0.60
C ARG B 38 -12.88 -8.24 1.04
N LEU B 39 -13.71 -9.29 1.04
CA LEU B 39 -13.18 -10.62 1.52
C LEU B 39 -12.15 -11.20 0.55
N THR B 40 -12.46 -11.15 -0.73
CA THR B 40 -11.43 -11.63 -1.65
C THR B 40 -10.05 -10.94 -1.55
N LEU B 41 -9.98 -9.62 -1.38
CA LEU B 41 -8.67 -8.98 -1.24
C LEU B 41 -8.00 -9.29 0.11
N ARG B 42 -8.81 -9.48 1.16
CA ARG B 42 -8.27 -9.89 2.47
C ARG B 42 -7.55 -11.25 2.40
N GLN B 43 -8.15 -12.20 1.66
CA GLN B 43 -7.50 -13.47 1.34
C GLN B 43 -6.31 -13.23 0.43
N ALA B 44 -6.48 -12.41 -0.62
CA ALA B 44 -5.28 -12.02 -1.42
C ALA B 44 -4.12 -11.51 -0.54
N ALA B 45 -4.43 -10.77 0.55
CA ALA B 45 -3.39 -10.25 1.48
C ALA B 45 -2.85 -11.27 2.45
N GLN B 46 -3.68 -12.23 2.86
CA GLN B 46 -3.22 -13.42 3.59
C GLN B 46 -2.26 -14.29 2.74
N GLN B 47 -2.45 -14.35 1.44
CA GLN B 47 -1.49 -15.08 0.60
C GLN B 47 -0.14 -14.42 0.48
N GLY B 48 -0.06 -13.12 0.74
CA GLY B 48 1.17 -12.37 0.46
C GLY B 48 1.27 -11.75 -0.92
N ILE B 49 0.14 -11.44 -1.56
CA ILE B 49 0.12 -10.90 -2.95
C ILE B 49 0.00 -9.37 -3.01
N ILE B 50 -0.86 -8.84 -2.12
CA ILE B 50 -1.17 -7.40 -2.01
C ILE B 50 -1.18 -7.02 -0.51
N THR B 51 -0.84 -5.75 -0.19
CA THR B 51 -0.82 -5.26 1.21
C THR B 51 -1.67 -4.00 1.38
N ALA B 52 -2.53 -4.05 2.39
CA ALA B 52 -3.38 -2.92 2.79
C ALA B 52 -2.56 -1.96 3.63
N ILE B 53 -2.39 -0.72 3.18
CA ILE B 53 -1.61 0.28 3.96
C ILE B 53 -2.48 0.86 5.09
N VAL B 54 -3.80 0.74 4.87
CA VAL B 54 -4.89 1.26 5.72
C VAL B 54 -6.04 0.26 5.34
N LYS B 55 -7.06 0.13 6.17
CA LYS B 55 -8.11 -0.84 5.89
C LYS B 55 -8.79 -0.47 4.57
N ASP B 56 -8.78 -1.44 3.65
CA ASP B 56 -9.47 -1.39 2.34
C ASP B 56 -8.66 -0.71 1.17
N ARG B 57 -7.41 -0.28 1.43
CA ARG B 57 -6.57 0.40 0.43
C ARG B 57 -5.33 -0.40 0.30
N TYR B 58 -5.15 -0.92 -0.91
CA TYR B 58 -4.19 -1.96 -1.23
C TYR B 58 -3.20 -1.58 -2.29
N TYR B 59 -1.95 -1.94 -2.03
CA TYR B 59 -0.92 -2.00 -3.05
C TYR B 59 -0.41 -3.45 -3.33
N ARG B 60 -0.01 -3.70 -4.57
CA ARG B 60 0.78 -4.89 -4.89
C ARG B 60 2.09 -4.86 -4.06
N ASN B 61 2.52 -6.01 -3.56
CA ASN B 61 3.66 -6.09 -2.67
C ASN B 61 4.99 -5.61 -3.26
N ASP B 62 5.15 -5.68 -4.58
CA ASP B 62 6.39 -5.25 -5.21
C ASP B 62 6.39 -3.73 -5.27
N ARG B 63 5.21 -3.11 -5.35
CA ARG B 63 5.09 -1.66 -5.21
C ARG B 63 5.56 -1.17 -3.86
N ILE B 64 5.15 -1.82 -2.76
CA ILE B 64 5.69 -1.61 -1.40
C ILE B 64 7.23 -1.65 -1.27
N VAL B 65 7.84 -2.63 -1.90
CA VAL B 65 9.32 -2.77 -1.91
C VAL B 65 9.96 -1.53 -2.59
N GLU B 66 9.32 -0.96 -3.61
CA GLU B 66 9.86 0.22 -4.28
C GLU B 66 9.79 1.45 -3.39
N PHE B 67 8.66 1.64 -2.69
CA PHE B 67 8.51 2.64 -1.68
C PHE B 67 9.54 2.44 -0.62
N ALA B 68 9.78 1.22 -0.15
CA ALA B 68 10.81 1.00 0.88
C ALA B 68 12.22 1.44 0.40
N ASN B 69 12.50 1.29 -0.90
CA ASN B 69 13.80 1.74 -1.45
C ASN B 69 13.91 3.29 -1.68
N MET B 70 12.79 3.95 -2.01
CA MET B 70 12.65 5.41 -1.93
C MET B 70 12.93 5.98 -0.52
N ILE B 71 12.40 5.33 0.53
CA ILE B 71 12.77 5.71 1.91
C ILE B 71 14.31 5.57 2.19
N ARG B 72 14.90 4.49 1.72
CA ARG B 72 16.35 4.33 1.77
C ARG B 72 17.13 5.43 0.99
N ASP B 73 16.67 5.81 -0.21
CA ASP B 73 17.25 6.93 -0.94
C ASP B 73 17.16 8.26 -0.23
N LEU B 74 15.97 8.59 0.30
CA LEU B 74 15.77 9.85 1.03
C LEU B 74 16.46 9.85 2.36
N ASP B 75 16.48 8.71 3.04
CA ASP B 75 17.25 8.62 4.28
C ASP B 75 18.70 9.06 4.03
N GLN B 76 19.21 8.74 2.85
CA GLN B 76 20.62 8.96 2.58
C GLN B 76 20.93 10.34 2.03
N GLU B 77 19.96 10.97 1.36
CA GLU B 77 20.14 12.38 1.02
C GLU B 77 19.95 13.33 2.20
N CYS B 78 19.02 13.00 3.09
CA CYS B 78 18.51 13.93 4.10
C CYS B 78 18.89 13.54 5.51
N GLY B 79 19.14 12.25 5.73
CA GLY B 79 19.45 11.73 7.05
C GLY B 79 18.23 11.05 7.64
N SER B 80 17.08 11.37 7.04
CA SER B 80 15.81 10.76 7.38
C SER B 80 14.70 11.13 6.38
N THR B 81 13.55 10.51 6.60
CA THR B 81 12.41 10.70 5.73
C THR B 81 11.28 11.35 6.50
N CYS B 82 10.87 12.52 6.04
CA CYS B 82 9.67 13.12 6.61
C CYS B 82 8.59 13.13 5.54
N ALA B 83 7.35 13.42 5.97
CA ALA B 83 6.15 13.42 5.10
C ALA B 83 6.28 14.29 3.84
N ALA B 84 6.66 15.54 4.04
CA ALA B 84 6.86 16.56 3.02
C ALA B 84 7.84 16.15 1.94
N ASP B 85 9.03 15.68 2.32
CA ASP B 85 10.01 15.16 1.40
C ASP B 85 9.52 13.89 0.68
N PHE B 86 8.86 12.98 1.41
CA PHE B 86 8.37 11.74 0.76
C PHE B 86 7.27 12.04 -0.26
N ARG B 87 6.36 12.92 0.06
CA ARG B 87 5.34 13.19 -0.91
C ARG B 87 5.78 14.01 -2.12
N ASP B 88 6.81 14.85 -1.94
CA ASP B 88 7.52 15.53 -3.04
C ASP B 88 8.14 14.52 -3.98
N ARG B 89 8.97 13.65 -3.41
CA ARG B 89 9.60 12.57 -4.14
C ARG B 89 8.66 11.53 -4.87
N LEU B 90 7.58 11.16 -4.24
CA LEU B 90 6.57 10.28 -4.80
C LEU B 90 5.69 10.94 -5.89
N GLY B 91 5.53 12.25 -5.78
CA GLY B 91 4.66 12.98 -6.67
C GLY B 91 3.19 12.80 -6.39
N VAL B 92 2.86 12.60 -5.12
CA VAL B 92 1.50 12.29 -4.70
C VAL B 92 1.04 13.25 -3.56
N GLY B 93 -0.25 13.27 -3.21
CA GLY B 93 -0.71 14.09 -2.08
C GLY B 93 -0.10 13.59 -0.80
N ARG B 94 0.02 14.44 0.19
CA ARG B 94 0.58 14.15 1.50
C ARG B 94 -0.20 13.03 2.27
N LYS B 95 -1.50 12.94 2.10
CA LYS B 95 -2.30 11.91 2.76
C LYS B 95 -1.91 10.48 2.42
N LEU B 96 -1.67 10.17 1.12
CA LEU B 96 -1.19 8.83 0.69
C LEU B 96 0.25 8.60 1.19
N ALA B 97 1.10 9.62 1.01
CA ALA B 97 2.47 9.62 1.54
C ALA B 97 2.53 9.19 3.05
N ILE B 98 1.73 9.82 3.92
CA ILE B 98 1.60 9.44 5.37
C ILE B 98 0.98 8.03 5.63
N GLN B 99 -0.05 7.68 4.90
CA GLN B 99 -0.50 6.29 4.90
C GLN B 99 0.58 5.26 4.60
N ILE B 100 1.38 5.52 3.58
CA ILE B 100 2.48 4.63 3.25
C ILE B 100 3.53 4.64 4.40
N LEU B 101 3.92 5.83 4.82
CA LEU B 101 4.96 5.94 5.86
C LEU B 101 4.54 5.32 7.17
N GLU B 102 3.29 5.51 7.55
CA GLU B 102 2.79 4.95 8.80
C GLU B 102 2.65 3.43 8.74
N TYR B 103 2.41 2.89 7.54
CA TYR B 103 2.51 1.45 7.24
C TYR B 103 3.85 0.85 7.64
N PHE B 104 4.94 1.50 7.17
CA PHE B 104 6.30 1.09 7.41
C PHE B 104 6.72 1.22 8.86
N ASP B 105 6.23 2.27 9.54
CA ASP B 105 6.40 2.52 10.99
C ASP B 105 5.84 1.32 11.77
N ARG B 106 4.63 0.90 11.39
CA ARG B 106 4.05 -0.17 12.16
C ARG B 106 4.48 -1.59 11.84
N ILE B 107 5.18 -1.80 10.72
CA ILE B 107 5.87 -3.06 10.50
C ILE B 107 7.30 -3.06 11.09
N GLY B 108 7.79 -1.91 11.54
CA GLY B 108 9.09 -1.84 12.14
C GLY B 108 10.18 -1.59 11.13
N PHE B 109 9.80 -1.23 9.90
CA PHE B 109 10.79 -0.84 8.88
C PHE B 109 11.47 0.49 9.25
N THR B 110 10.64 1.47 9.63
CA THR B 110 11.00 2.81 10.14
C THR B 110 10.42 2.95 11.57
N ARG B 111 10.81 4.01 12.25
CA ARG B 111 10.15 4.46 13.50
C ARG B 111 9.91 5.96 13.35
N ARG B 112 8.82 6.47 13.90
CA ARG B 112 8.55 7.90 13.92
C ARG B 112 9.17 8.57 15.13
N ARG B 113 9.88 9.66 14.88
CA ARG B 113 10.34 10.53 15.95
C ARG B 113 10.17 11.94 15.50
N GLY B 114 9.19 12.63 16.05
CA GLY B 114 8.80 13.93 15.51
C GLY B 114 8.32 13.75 14.08
N ASN B 115 8.80 14.61 13.20
CA ASN B 115 8.41 14.63 11.79
C ASN B 115 9.13 13.62 10.93
N ASP B 116 10.17 13.00 11.49
CA ASP B 116 11.06 12.04 10.80
C ASP B 116 10.66 10.61 10.95
N HIS B 117 10.89 9.86 9.88
CA HIS B 117 10.77 8.40 9.91
C HIS B 117 12.20 7.84 9.75
N LEU B 118 12.67 7.21 10.80
CA LEU B 118 14.06 6.85 10.86
C LEU B 118 14.09 5.39 10.54
N LEU B 119 15.12 4.97 9.82
CA LEU B 119 15.30 3.56 9.47
C LEU B 119 15.59 2.76 10.72
N ARG B 120 14.75 1.75 10.95
CA ARG B 120 14.85 0.88 12.11
C ARG B 120 15.43 -0.46 11.62
N ASP B 121 14.69 -1.11 10.71
CA ASP B 121 14.86 -2.50 10.19
C ASP B 121 14.62 -3.63 11.21
#